data_8P0S
#
_entry.id   8P0S
#
_cell.length_a   48.260
_cell.length_b   87.070
_cell.length_c   148.220
_cell.angle_alpha   90.00
_cell.angle_beta   90.00
_cell.angle_gamma   90.00
#
_symmetry.space_group_name_H-M   'C 2 2 21'
#
loop_
_entity.id
_entity.type
_entity.pdbx_description
1 polymer 'Rho-associated protein kinase 1'
2 non-polymer 2,3-DIHYDROXY-1,4-DITHIOBUTANE
3 water water
#
_entity_poly.entity_id   1
_entity_poly.type   'polypeptide(L)'
_entity_poly.pdbx_seq_one_letter_code
;GSADKSLQESLQKTIYKLEEQLHNE(MSE)QLKDE(MSE)EQKCRTSNIKLDKI(MSE)KELDEEGNQRRNLESTVSQIE
KEK(MSE)LLQHRINEYQRKAEQENEKRRNVENEVSTLKDQLEDLKKVSQNSQLANEKLSQLQKQLEEA
;
_entity_poly.pdbx_strand_id   A,B
#
loop_
_chem_comp.id
_chem_comp.type
_chem_comp.name
_chem_comp.formula
DTT non-polymer 2,3-DIHYDROXY-1,4-DITHIOBUTANE 'C4 H10 O2 S2'
#
# COMPACT_ATOMS: atom_id res chain seq x y z
N GLY A 1 45.53 13.34 -84.93
CA GLY A 1 44.66 14.06 -85.85
C GLY A 1 43.60 14.85 -85.11
N SER A 2 42.88 15.70 -85.86
CA SER A 2 41.83 16.50 -85.25
C SER A 2 40.60 15.67 -84.89
N ALA A 3 40.42 14.50 -85.51
CA ALA A 3 39.35 13.63 -85.08
C ALA A 3 39.65 13.05 -83.71
N ASP A 4 40.91 12.64 -83.51
CA ASP A 4 41.33 12.04 -82.25
C ASP A 4 41.26 13.06 -81.10
N LYS A 5 41.70 14.29 -81.38
CA LYS A 5 41.63 15.37 -80.41
C LYS A 5 40.21 15.81 -80.14
N SER A 6 39.28 15.54 -81.05
CA SER A 6 37.90 15.88 -80.71
C SER A 6 37.24 14.77 -79.91
N LEU A 7 37.58 13.52 -80.18
CA LEU A 7 37.09 12.46 -79.32
C LEU A 7 37.59 12.68 -77.90
N GLN A 8 38.87 13.05 -77.73
CA GLN A 8 39.42 13.26 -76.41
C GLN A 8 38.75 14.42 -75.71
N GLU A 9 38.39 15.45 -76.47
CA GLU A 9 37.71 16.60 -75.88
C GLU A 9 36.35 16.19 -75.34
N SER A 10 35.60 15.42 -76.13
CA SER A 10 34.31 14.97 -75.65
C SER A 10 34.46 14.06 -74.44
N LEU A 11 35.50 13.23 -74.38
CA LEU A 11 35.67 12.40 -73.20
C LEU A 11 35.99 13.25 -71.96
N GLN A 12 36.90 14.21 -72.08
CA GLN A 12 37.23 15.09 -70.95
C GLN A 12 35.99 15.81 -70.46
N LYS A 13 35.19 16.30 -71.39
CA LYS A 13 33.90 16.89 -71.10
C LYS A 13 33.09 16.02 -70.16
N THR A 14 32.94 14.74 -70.52
CA THR A 14 32.22 13.83 -69.65
C THR A 14 32.90 13.66 -68.28
N ILE A 15 34.23 13.65 -68.25
CA ILE A 15 34.91 13.47 -66.97
C ILE A 15 34.58 14.62 -66.04
N TYR A 16 34.64 15.85 -66.56
CA TYR A 16 34.28 17.04 -65.79
C TYR A 16 32.82 17.02 -65.36
N LYS A 17 31.91 16.81 -66.33
CA LYS A 17 30.50 16.68 -65.97
C LYS A 17 30.32 15.74 -64.77
N LEU A 18 31.00 14.57 -64.81
CA LEU A 18 30.74 13.57 -63.77
C LEU A 18 31.40 13.92 -62.45
N GLU A 19 32.62 14.46 -62.51
CA GLU A 19 33.34 14.84 -61.30
C GLU A 19 32.59 15.95 -60.56
N GLU A 20 32.18 16.99 -61.28
CA GLU A 20 31.37 18.06 -60.69
C GLU A 20 30.09 17.51 -60.06
N GLN A 21 29.37 16.68 -60.80
CA GLN A 21 28.19 16.04 -60.22
C GLN A 21 28.57 15.21 -58.98
N LEU A 22 29.74 14.58 -58.98
CA LEU A 22 30.21 13.90 -57.76
C LEU A 22 30.33 14.87 -56.59
N HIS A 23 30.99 16.01 -56.82
CA HIS A 23 31.18 16.98 -55.75
C HIS A 23 29.85 17.50 -55.22
N ASN A 24 28.89 17.70 -56.12
CA ASN A 24 27.57 18.13 -55.71
C ASN A 24 26.95 17.10 -54.78
N GLU A 25 27.11 15.81 -55.12
CA GLU A 25 26.58 14.70 -54.34
C GLU A 25 27.26 14.60 -52.98
N MSE A 26 28.57 14.84 -52.90
CA MSE A 26 29.25 14.74 -51.61
C MSE A 26 28.78 15.83 -50.64
O MSE A 26 28.61 15.56 -49.47
CB MSE A 26 30.78 14.79 -51.78
CG MSE A 26 31.38 13.60 -52.49
SE MSE A 26 30.89 11.75 -51.88
CE MSE A 26 29.06 11.53 -52.51
N GLN A 27 28.56 17.05 -51.16
CA GLN A 27 28.02 18.11 -50.31
C GLN A 27 26.68 17.70 -49.72
N LEU A 28 25.78 17.16 -50.54
CA LEU A 28 24.49 16.69 -50.01
C LEU A 28 24.71 15.56 -49.01
N LYS A 29 25.70 14.71 -49.24
CA LYS A 29 25.93 13.59 -48.34
C LYS A 29 26.47 14.11 -47.00
N ASP A 30 27.38 15.07 -47.04
CA ASP A 30 27.91 15.60 -45.78
C ASP A 30 26.81 16.29 -44.97
N GLU A 31 25.92 17.02 -45.63
CA GLU A 31 24.80 17.67 -44.93
C GLU A 31 23.90 16.64 -44.29
N MSE A 32 23.67 15.54 -44.98
CA MSE A 32 22.69 14.65 -44.45
C MSE A 32 23.33 13.75 -43.39
O MSE A 32 22.68 13.35 -42.43
CB MSE A 32 22.01 13.91 -45.58
CG MSE A 32 20.83 13.06 -45.15
SE MSE A 32 20.56 11.63 -46.44
CE MSE A 32 20.09 12.66 -48.04
N GLU A 33 24.63 13.47 -43.55
CA GLU A 33 25.34 12.75 -42.49
C GLU A 33 25.23 13.51 -41.17
N GLN A 34 25.36 14.84 -41.22
CA GLN A 34 25.32 15.62 -40.00
C GLN A 34 23.92 15.58 -39.38
N LYS A 35 22.89 15.82 -40.19
CA LYS A 35 21.52 15.69 -39.67
C LYS A 35 21.31 14.31 -39.07
N CYS A 36 21.79 13.26 -39.74
CA CYS A 36 21.57 11.89 -39.27
C CYS A 36 22.32 11.60 -37.97
N ARG A 37 23.58 12.01 -37.87
CA ARG A 37 24.30 11.81 -36.61
C ARG A 37 23.58 12.49 -35.47
N THR A 38 23.15 13.74 -35.67
CA THR A 38 22.45 14.47 -34.62
C THR A 38 21.15 13.76 -34.23
N SER A 39 20.37 13.35 -35.22
CA SER A 39 19.11 12.68 -34.90
C SER A 39 19.34 11.38 -34.14
N ASN A 40 20.40 10.61 -34.52
CA ASN A 40 20.74 9.39 -33.77
C ASN A 40 21.30 9.68 -32.38
N ILE A 41 21.99 10.82 -32.17
CA ILE A 41 22.39 11.16 -30.80
C ILE A 41 21.15 11.42 -29.95
N LYS A 42 20.20 12.21 -30.48
CA LYS A 42 19.03 12.54 -29.69
C LYS A 42 18.18 11.30 -29.43
N LEU A 43 18.06 10.43 -30.42
CA LEU A 43 17.25 9.24 -30.27
C LEU A 43 17.74 8.39 -29.11
N ASP A 44 19.06 8.20 -29.01
CA ASP A 44 19.58 7.31 -27.97
C ASP A 44 19.50 7.96 -26.58
N LYS A 45 19.62 9.29 -26.50
CA LYS A 45 19.40 9.96 -25.23
C LYS A 45 17.94 9.85 -24.82
N ILE A 46 17.00 9.93 -25.77
CA ILE A 46 15.58 9.90 -25.39
C ILE A 46 15.13 8.48 -25.11
N MSE A 47 15.71 7.49 -25.80
CA MSE A 47 15.40 6.07 -25.58
CA MSE A 47 15.34 6.10 -25.56
C MSE A 47 15.69 5.66 -24.16
O MSE A 47 14.93 4.96 -23.52
CB MSE A 47 16.21 5.16 -26.51
CB MSE A 47 15.98 5.17 -26.59
CG MSE A 47 15.80 5.09 -27.98
CG MSE A 47 15.02 4.72 -27.70
SE MSE A 47 16.75 3.63 -28.90
SE MSE A 47 13.82 3.27 -27.16
CE MSE A 47 16.14 3.92 -30.71
CE MSE A 47 15.10 2.15 -26.20
N LYS A 48 16.87 6.08 -23.65
CA LYS A 48 17.15 5.63 -22.30
C LYS A 48 16.38 6.47 -21.28
N GLU A 49 16.11 7.74 -21.56
CA GLU A 49 15.20 8.47 -20.69
C GLU A 49 13.85 7.79 -20.67
N LEU A 50 13.34 7.39 -21.85
CA LEU A 50 12.08 6.64 -21.91
C LEU A 50 12.17 5.38 -21.08
N ASP A 51 13.29 4.68 -21.16
CA ASP A 51 13.45 3.43 -20.42
C ASP A 51 13.34 3.65 -18.92
N GLU A 52 14.04 4.66 -18.39
CA GLU A 52 13.95 4.84 -16.95
C GLU A 52 12.63 5.46 -16.54
N GLU A 53 12.03 6.31 -17.36
CA GLU A 53 10.74 6.88 -16.97
C GLU A 53 9.67 5.80 -16.95
N GLY A 54 9.67 4.90 -17.93
CA GLY A 54 8.65 3.88 -18.01
C GLY A 54 8.85 2.78 -16.98
N ASN A 55 10.11 2.47 -16.68
CA ASN A 55 10.38 1.55 -15.58
C ASN A 55 9.85 2.12 -14.28
N GLN A 56 10.12 3.40 -14.01
CA GLN A 56 9.62 3.96 -12.77
C GLN A 56 8.09 4.04 -12.76
N ARG A 57 7.48 4.35 -13.90
CA ARG A 57 6.01 4.37 -13.94
C ARG A 57 5.43 2.99 -13.68
N ARG A 58 5.98 1.96 -14.33
CA ARG A 58 5.49 0.60 -14.12
C ARG A 58 5.69 0.19 -12.68
N ASN A 59 6.88 0.48 -12.12
CA ASN A 59 7.15 0.22 -10.72
C ASN A 59 6.11 0.87 -9.80
N LEU A 60 5.75 2.11 -10.09
CA LEU A 60 4.80 2.76 -9.22
C LEU A 60 3.41 2.16 -9.38
N GLU A 61 3.11 1.60 -10.55
CA GLU A 61 1.83 0.94 -10.76
C GLU A 61 1.71 -0.28 -9.87
N SER A 62 2.78 -1.06 -9.75
CA SER A 62 2.78 -2.18 -8.85
C SER A 62 2.67 -1.73 -7.41
N THR A 63 3.29 -0.59 -7.08
CA THR A 63 3.19 -0.12 -5.71
C THR A 63 1.75 0.23 -5.40
N VAL A 64 1.07 0.83 -6.37
CA VAL A 64 -0.32 1.22 -6.14
C VAL A 64 -1.18 0.00 -5.89
N SER A 65 -1.08 -1.03 -6.76
CA SER A 65 -1.87 -2.25 -6.57
C SER A 65 -1.61 -2.86 -5.22
N GLN A 66 -0.34 -2.93 -4.82
CA GLN A 66 0.00 -3.50 -3.54
C GLN A 66 -0.64 -2.74 -2.38
N ILE A 67 -0.55 -1.41 -2.39
CA ILE A 67 -1.01 -0.59 -1.26
C ILE A 67 -2.52 -0.60 -1.17
N GLU A 68 -3.21 -0.57 -2.32
CA GLU A 68 -4.66 -0.65 -2.28
C GLU A 68 -5.11 -1.92 -1.59
N LYS A 69 -4.48 -3.06 -1.92
CA LYS A 69 -4.80 -4.33 -1.25
C LYS A 69 -4.44 -4.28 0.22
N GLU A 70 -3.31 -3.65 0.56
CA GLU A 70 -2.92 -3.61 1.96
C GLU A 70 -3.92 -2.80 2.75
N LYS A 71 -4.48 -1.76 2.14
CA LYS A 71 -5.42 -0.95 2.88
C LYS A 71 -6.74 -1.69 3.12
N MSE A 72 -7.09 -2.66 2.29
CA MSE A 72 -8.31 -3.44 2.52
C MSE A 72 -8.07 -4.42 3.69
O MSE A 72 -8.95 -4.63 4.52
CB MSE A 72 -8.67 -4.20 1.23
CG MSE A 72 -9.37 -3.32 0.14
SE MSE A 72 -10.98 -2.38 0.67
CE MSE A 72 -11.11 -1.23 -0.91
N LEU A 73 -6.86 -4.99 3.80
CA LEU A 73 -6.53 -5.84 4.94
C LEU A 73 -6.42 -5.05 6.24
N LEU A 74 -5.96 -3.81 6.17
CA LEU A 74 -5.93 -3.02 7.38
C LEU A 74 -7.35 -2.79 7.85
N GLN A 75 -8.23 -2.42 6.92
CA GLN A 75 -9.63 -2.25 7.26
C GLN A 75 -10.22 -3.56 7.80
N HIS A 76 -9.77 -4.70 7.28
CA HIS A 76 -10.30 -5.95 7.81
C HIS A 76 -9.92 -6.09 9.27
N ARG A 77 -8.66 -5.81 9.60
CA ARG A 77 -8.21 -5.92 10.98
CA ARG A 77 -8.18 -5.89 10.98
C ARG A 77 -8.95 -4.93 11.88
N ILE A 78 -9.32 -3.77 11.36
CA ILE A 78 -10.17 -2.85 12.14
C ILE A 78 -11.52 -3.50 12.42
N ASN A 79 -12.06 -4.25 11.45
CA ASN A 79 -13.33 -4.94 11.66
C ASN A 79 -13.21 -6.06 12.68
N GLU A 80 -12.06 -6.76 12.71
CA GLU A 80 -11.90 -7.83 13.69
C GLU A 80 -11.92 -7.28 15.11
N TYR A 81 -11.29 -6.11 15.33
CA TYR A 81 -11.24 -5.52 16.67
C TYR A 81 -12.56 -4.86 17.08
N GLN A 82 -13.25 -4.22 16.14
CA GLN A 82 -14.61 -3.73 16.40
C GLN A 82 -15.52 -4.84 16.89
N ARG A 83 -15.61 -5.92 16.11
CA ARG A 83 -16.38 -7.08 16.50
C ARG A 83 -16.02 -7.52 17.93
N LYS A 84 -14.72 -7.69 18.22
CA LYS A 84 -14.33 -8.18 19.54
C LYS A 84 -14.76 -7.20 20.65
N ALA A 85 -14.64 -5.89 20.42
CA ALA A 85 -15.06 -4.96 21.47
C ALA A 85 -16.58 -4.90 21.61
N GLU A 86 -17.33 -5.14 20.54
CA GLU A 86 -18.78 -5.22 20.66
C GLU A 86 -19.21 -6.47 21.41
N GLN A 87 -18.55 -7.59 21.13
CA GLN A 87 -18.93 -8.80 21.85
C GLN A 87 -18.42 -8.79 23.30
N GLU A 88 -17.33 -8.08 23.58
CA GLU A 88 -16.87 -8.04 24.96
C GLU A 88 -17.72 -7.07 25.77
N ASN A 89 -18.27 -6.06 25.09
CA ASN A 89 -19.08 -5.06 25.77
C ASN A 89 -20.47 -5.62 26.09
N GLU A 90 -21.03 -6.44 25.19
CA GLU A 90 -22.32 -7.04 25.48
C GLU A 90 -22.18 -8.12 26.53
N LYS A 91 -21.07 -8.87 26.51
CA LYS A 91 -20.77 -9.77 27.60
C LYS A 91 -20.68 -9.01 28.92
N ARG A 92 -19.93 -7.90 28.91
CA ARG A 92 -19.77 -7.12 30.13
C ARG A 92 -21.11 -6.57 30.62
N ARG A 93 -21.96 -6.06 29.73
CA ARG A 93 -23.22 -5.48 30.18
C ARG A 93 -24.12 -6.52 30.82
N ASN A 94 -24.10 -7.76 30.32
CA ASN A 94 -24.88 -8.82 30.95
C ASN A 94 -24.34 -9.17 32.34
N VAL A 95 -23.01 -9.22 32.49
CA VAL A 95 -22.40 -9.50 33.78
C VAL A 95 -22.70 -8.39 34.78
N GLU A 96 -22.70 -7.15 34.31
CA GLU A 96 -22.94 -6.02 35.21
C GLU A 96 -24.35 -6.06 35.78
N ASN A 97 -25.30 -6.67 35.06
CA ASN A 97 -26.63 -6.92 35.61
C ASN A 97 -26.59 -7.97 36.70
N GLU A 98 -25.71 -8.97 36.58
CA GLU A 98 -25.60 -9.94 37.65
C GLU A 98 -24.91 -9.34 38.87
N VAL A 99 -23.92 -8.46 38.66
CA VAL A 99 -23.28 -7.77 39.78
C VAL A 99 -24.32 -6.98 40.56
N SER A 100 -25.18 -6.27 39.85
CA SER A 100 -26.15 -5.42 40.51
C SER A 100 -27.15 -6.25 41.29
N THR A 101 -27.64 -7.36 40.72
CA THR A 101 -28.59 -8.19 41.45
C THR A 101 -27.95 -8.81 42.68
N LEU A 102 -26.69 -9.26 42.56
CA LEU A 102 -26.02 -9.88 43.69
C LEU A 102 -25.78 -8.88 44.82
N LYS A 103 -25.38 -7.64 44.49
CA LYS A 103 -25.16 -6.64 45.55
C LYS A 103 -26.44 -6.35 46.30
N ASP A 104 -27.59 -6.41 45.63
CA ASP A 104 -28.86 -6.24 46.33
C ASP A 104 -29.12 -7.41 47.26
N GLN A 105 -28.81 -8.62 46.82
CA GLN A 105 -29.02 -9.79 47.65
C GLN A 105 -28.14 -9.75 48.88
N LEU A 106 -26.91 -9.26 48.71
CA LEU A 106 -26.02 -9.22 49.86
C LEU A 106 -26.47 -8.15 50.84
N GLU A 107 -26.92 -6.99 50.34
CA GLU A 107 -27.51 -5.97 51.18
C GLU A 107 -28.73 -6.52 51.91
N ASP A 108 -29.62 -7.17 51.17
CA ASP A 108 -30.81 -7.76 51.78
C ASP A 108 -30.43 -8.81 52.83
N LEU A 109 -29.36 -9.57 52.58
CA LEU A 109 -28.95 -10.59 53.55
C LEU A 109 -28.40 -9.94 54.80
N LYS A 110 -27.59 -8.89 54.66
CA LYS A 110 -27.13 -8.14 55.83
C LYS A 110 -28.32 -7.59 56.61
N LYS A 111 -29.42 -7.28 55.94
CA LYS A 111 -30.58 -6.73 56.62
C LYS A 111 -31.38 -7.82 57.31
N VAL A 112 -31.57 -8.96 56.62
CA VAL A 112 -32.22 -10.13 57.23
C VAL A 112 -31.51 -10.51 58.53
N SER A 113 -30.18 -10.59 58.48
CA SER A 113 -29.41 -10.94 59.66
C SER A 113 -29.53 -9.88 60.75
N GLN A 114 -29.56 -8.60 60.37
CA GLN A 114 -29.64 -7.56 61.37
C GLN A 114 -31.01 -7.53 62.03
N ASN A 115 -32.08 -7.74 61.25
CA ASN A 115 -33.42 -7.81 61.85
C ASN A 115 -33.64 -9.10 62.63
N SER A 116 -32.94 -10.17 62.26
CA SER A 116 -33.03 -11.42 63.03
C SER A 116 -32.52 -11.21 64.44
N GLN A 117 -31.34 -10.59 64.56
CA GLN A 117 -30.81 -10.18 65.85
C GLN A 117 -31.84 -9.40 66.65
N LEU A 118 -32.45 -8.39 66.00
CA LEU A 118 -33.43 -7.55 66.70
C LEU A 118 -34.67 -8.35 67.13
N ALA A 119 -35.20 -9.17 66.22
CA ALA A 119 -36.37 -9.99 66.55
C ALA A 119 -36.06 -10.96 67.71
N ASN A 120 -34.86 -11.51 67.73
CA ASN A 120 -34.48 -12.42 68.82
C ASN A 120 -34.36 -11.69 70.14
N GLU A 121 -33.80 -10.48 70.12
CA GLU A 121 -33.67 -9.73 71.37
C GLU A 121 -35.04 -9.28 71.89
N LYS A 122 -35.94 -8.85 71.01
CA LYS A 122 -37.28 -8.52 71.49
C LYS A 122 -37.93 -9.76 72.10
N LEU A 123 -37.83 -10.89 71.40
CA LEU A 123 -38.44 -12.13 71.85
C LEU A 123 -37.86 -12.56 73.20
N SER A 124 -36.55 -12.41 73.38
CA SER A 124 -35.96 -12.70 74.69
C SER A 124 -36.51 -11.79 75.79
N GLN A 125 -36.81 -10.53 75.45
CA GLN A 125 -37.38 -9.62 76.47
C GLN A 125 -38.82 -9.99 76.79
N LEU A 126 -39.60 -10.42 75.80
CA LEU A 126 -40.96 -10.89 76.05
C LEU A 126 -40.97 -12.19 76.85
N GLN A 127 -40.08 -13.16 76.54
CA GLN A 127 -40.00 -14.35 77.39
C GLN A 127 -39.76 -13.96 78.83
N LYS A 128 -38.93 -12.92 79.05
CA LYS A 128 -38.66 -12.42 80.38
C LYS A 128 -39.92 -11.84 81.02
N GLN A 129 -40.70 -11.06 80.27
CA GLN A 129 -41.94 -10.51 80.82
C GLN A 129 -42.93 -11.63 81.17
N LEU A 130 -42.97 -12.69 80.34
CA LEU A 130 -43.78 -13.87 80.67
C LEU A 130 -43.32 -14.48 81.99
N GLU A 131 -42.01 -14.76 82.13
CA GLU A 131 -41.51 -15.39 83.36
C GLU A 131 -41.89 -14.57 84.58
N GLU A 132 -41.83 -13.24 84.47
CA GLU A 132 -41.99 -12.39 85.65
C GLU A 132 -43.45 -12.11 85.98
N ALA A 133 -44.37 -12.33 85.05
CA ALA A 133 -45.80 -12.09 85.31
C ALA A 133 -46.42 -13.26 86.05
N SER B 2 48.77 5.20 -81.73
CA SER B 2 48.50 4.15 -80.74
C SER B 2 48.81 4.64 -79.32
N ALA B 3 49.76 5.57 -79.19
CA ALA B 3 49.73 6.45 -78.01
C ALA B 3 48.48 7.31 -78.06
N ASP B 4 47.96 7.54 -79.28
CA ASP B 4 46.62 8.09 -79.50
C ASP B 4 45.54 7.25 -78.81
N LYS B 5 45.44 5.96 -79.21
CA LYS B 5 44.44 5.06 -78.64
C LYS B 5 44.63 4.89 -77.14
N SER B 6 45.89 4.80 -76.69
CA SER B 6 46.18 4.82 -75.26
C SER B 6 45.40 5.94 -74.59
N LEU B 7 45.45 7.15 -75.17
CA LEU B 7 44.88 8.31 -74.50
C LEU B 7 43.37 8.20 -74.41
N GLN B 8 42.72 7.84 -75.52
CA GLN B 8 41.26 7.69 -75.49
C GLN B 8 40.83 6.55 -74.59
N GLU B 9 41.67 5.53 -74.43
CA GLU B 9 41.31 4.41 -73.57
C GLU B 9 41.48 4.77 -72.11
N SER B 10 42.56 5.48 -71.73
CA SER B 10 42.66 5.92 -70.34
C SER B 10 41.55 6.91 -69.98
N LEU B 11 41.11 7.71 -70.96
CA LEU B 11 40.02 8.63 -70.69
C LEU B 11 38.72 7.88 -70.43
N GLN B 12 38.46 6.87 -71.26
CA GLN B 12 37.19 6.18 -71.19
C GLN B 12 37.12 5.30 -69.95
N LYS B 13 38.26 4.78 -69.51
CA LYS B 13 38.29 4.02 -68.25
C LYS B 13 38.09 4.93 -67.04
N THR B 14 38.61 6.16 -67.09
CA THR B 14 38.35 7.13 -66.03
C THR B 14 36.86 7.35 -65.91
N ILE B 15 36.16 7.44 -67.05
CA ILE B 15 34.72 7.68 -67.02
C ILE B 15 33.98 6.51 -66.38
N TYR B 16 34.37 5.26 -66.72
CA TYR B 16 33.73 4.10 -66.11
C TYR B 16 33.91 4.11 -64.60
N LYS B 17 35.12 4.42 -64.13
CA LYS B 17 35.34 4.49 -62.68
C LYS B 17 34.52 5.60 -62.05
N LEU B 18 34.33 6.72 -62.76
CA LEU B 18 33.47 7.78 -62.24
C LEU B 18 32.03 7.33 -62.21
N GLU B 19 31.58 6.60 -63.25
CA GLU B 19 30.20 6.10 -63.21
C GLU B 19 30.04 5.05 -62.11
N GLU B 20 31.03 4.19 -61.92
CA GLU B 20 30.97 3.26 -60.80
C GLU B 20 30.95 4.00 -59.48
N GLN B 21 31.71 5.09 -59.38
CA GLN B 21 31.81 5.80 -58.11
C GLN B 21 30.51 6.49 -57.78
N LEU B 22 29.89 7.14 -58.78
CA LEU B 22 28.62 7.83 -58.56
C LEU B 22 27.50 6.87 -58.24
N HIS B 23 27.51 5.70 -58.86
CA HIS B 23 26.48 4.71 -58.59
C HIS B 23 26.60 4.14 -57.18
N ASN B 24 27.82 3.80 -56.76
CA ASN B 24 28.07 3.39 -55.39
C ASN B 24 27.64 4.48 -54.40
N GLU B 25 28.06 5.72 -54.63
CA GLU B 25 27.67 6.81 -53.73
C GLU B 25 26.14 7.02 -53.71
N MSE B 26 25.45 6.74 -54.80
CA MSE B 26 23.99 6.79 -54.84
CA MSE B 26 24.00 6.83 -54.79
C MSE B 26 23.38 5.66 -54.00
O MSE B 26 22.38 5.85 -53.33
CB MSE B 26 23.50 6.70 -56.29
CB MSE B 26 23.45 6.86 -56.23
CG MSE B 26 21.98 6.67 -56.45
CG MSE B 26 23.73 8.17 -56.97
SE MSE B 26 21.43 6.45 -58.32
SE MSE B 26 23.07 9.74 -56.02
CE MSE B 26 21.75 8.28 -58.95
CE MSE B 26 21.23 9.13 -55.66
N GLN B 27 23.99 4.47 -54.06
CA GLN B 27 23.51 3.39 -53.23
C GLN B 27 23.68 3.72 -51.75
N LEU B 28 24.83 4.30 -51.39
CA LEU B 28 25.06 4.74 -50.02
C LEU B 28 24.08 5.84 -49.62
N LYS B 29 23.83 6.77 -50.54
CA LYS B 29 22.92 7.90 -50.27
C LYS B 29 21.53 7.42 -49.92
N ASP B 30 20.98 6.51 -50.72
CA ASP B 30 19.63 6.03 -50.49
C ASP B 30 19.56 5.18 -49.23
N GLU B 31 20.56 4.33 -48.99
CA GLU B 31 20.55 3.49 -47.81
C GLU B 31 20.55 4.32 -46.54
N MSE B 32 21.31 5.41 -46.51
CA MSE B 32 21.35 6.27 -45.35
C MSE B 32 20.07 7.05 -45.19
O MSE B 32 19.57 7.22 -44.09
CB MSE B 32 22.56 7.18 -45.42
CG MSE B 32 22.77 8.06 -44.18
SE MSE B 32 24.15 9.46 -44.40
CE MSE B 32 23.43 10.67 -45.67
N GLU B 33 19.55 7.53 -46.31
CA GLU B 33 18.28 8.25 -46.31
C GLU B 33 17.17 7.39 -45.70
N GLN B 34 17.09 6.14 -46.14
CA GLN B 34 16.06 5.23 -45.64
C GLN B 34 16.18 5.07 -44.13
N LYS B 35 17.40 4.78 -43.65
CA LYS B 35 17.64 4.61 -42.20
C LYS B 35 17.39 5.90 -41.43
N CYS B 36 17.97 7.01 -41.89
CA CYS B 36 17.73 8.28 -41.22
C CYS B 36 16.24 8.57 -41.09
N ARG B 37 15.47 8.34 -42.15
CA ARG B 37 14.03 8.63 -42.13
C ARG B 37 13.33 7.78 -41.09
N THR B 38 13.57 6.46 -41.13
CA THR B 38 13.04 5.55 -40.12
C THR B 38 13.35 6.05 -38.71
N SER B 39 14.58 6.52 -38.49
CA SER B 39 15.00 6.91 -37.14
CA SER B 39 14.98 6.89 -37.14
C SER B 39 14.33 8.20 -36.70
N ASN B 40 13.97 9.09 -37.63
CA ASN B 40 13.29 10.32 -37.22
C ASN B 40 11.80 10.09 -36.98
N ILE B 41 11.18 9.18 -37.74
CA ILE B 41 9.87 8.65 -37.36
C ILE B 41 9.89 8.22 -35.90
N LYS B 42 10.82 7.30 -35.58
CA LYS B 42 10.95 6.78 -34.22
C LYS B 42 11.24 7.90 -33.22
N LEU B 43 12.17 8.79 -33.54
CA LEU B 43 12.50 9.87 -32.62
C LEU B 43 11.25 10.60 -32.17
N ASP B 44 10.39 10.98 -33.12
CA ASP B 44 9.17 11.71 -32.79
C ASP B 44 8.24 10.87 -31.92
N LYS B 45 8.05 9.61 -32.26
CA LYS B 45 7.25 8.73 -31.42
C LYS B 45 7.81 8.66 -29.99
N ILE B 46 9.11 8.40 -29.87
CA ILE B 46 9.77 8.27 -28.56
C ILE B 46 9.59 9.54 -27.72
N MSE B 47 9.61 10.70 -28.36
CA MSE B 47 9.44 11.92 -27.60
C MSE B 47 8.05 12.09 -27.04
O MSE B 47 7.91 12.54 -25.91
CB MSE B 47 9.78 13.14 -28.44
CG MSE B 47 11.18 13.65 -28.20
SE MSE B 47 11.84 14.76 -29.66
CE MSE B 47 10.42 16.10 -29.73
N LYS B 48 7.02 11.75 -27.82
CA LYS B 48 5.67 11.91 -27.28
C LYS B 48 5.49 10.97 -26.09
N GLU B 49 5.97 9.74 -26.26
CA GLU B 49 5.85 8.71 -25.25
C GLU B 49 6.67 9.06 -24.02
N LEU B 50 7.82 9.71 -24.20
CA LEU B 50 8.61 10.14 -23.05
C LEU B 50 7.85 11.16 -22.23
N ASP B 51 7.19 12.10 -22.90
CA ASP B 51 6.39 13.09 -22.20
C ASP B 51 5.21 12.44 -21.50
N GLU B 52 4.63 11.41 -22.11
CA GLU B 52 3.50 10.74 -21.48
C GLU B 52 3.95 9.95 -20.26
N GLU B 53 5.06 9.20 -20.37
CA GLU B 53 5.53 8.43 -19.22
C GLU B 53 5.85 9.35 -18.05
N GLY B 54 6.56 10.45 -18.34
CA GLY B 54 6.94 11.37 -17.28
C GLY B 54 5.74 11.94 -16.54
N ASN B 55 4.73 12.36 -17.29
CA ASN B 55 3.53 12.92 -16.67
C ASN B 55 2.82 11.86 -15.86
N GLN B 56 2.70 10.65 -16.40
CA GLN B 56 2.02 9.60 -15.66
C GLN B 56 2.85 9.11 -14.47
N ARG B 57 4.18 9.14 -14.57
CA ARG B 57 5.02 8.78 -13.43
C ARG B 57 4.82 9.76 -12.29
N ARG B 58 4.86 11.06 -12.61
CA ARG B 58 4.67 12.11 -11.63
C ARG B 58 3.25 12.09 -11.06
N ASN B 59 2.29 11.66 -11.85
CA ASN B 59 0.93 11.54 -11.34
C ASN B 59 0.81 10.39 -10.33
N LEU B 60 1.41 9.25 -10.64
CA LEU B 60 1.35 8.10 -9.74
C LEU B 60 2.13 8.36 -8.46
N GLU B 61 3.13 9.24 -8.52
CA GLU B 61 3.82 9.65 -7.30
C GLU B 61 2.85 10.32 -6.35
N SER B 62 2.04 11.22 -6.88
CA SER B 62 1.00 11.82 -6.06
C SER B 62 0.03 10.75 -5.52
N THR B 63 -0.40 9.82 -6.39
CA THR B 63 -1.30 8.75 -5.95
C THR B 63 -0.68 7.89 -4.85
N VAL B 64 0.56 7.48 -5.06
CA VAL B 64 1.23 6.69 -4.02
C VAL B 64 1.21 7.46 -2.70
N SER B 65 1.61 8.72 -2.74
CA SER B 65 1.75 9.45 -1.49
C SER B 65 0.40 9.63 -0.82
N GLN B 66 -0.64 9.87 -1.61
CA GLN B 66 -1.95 10.02 -1.00
C GLN B 66 -2.50 8.69 -0.47
N ILE B 67 -2.20 7.55 -1.13
CA ILE B 67 -2.74 6.33 -0.52
C ILE B 67 -1.84 5.82 0.60
N GLU B 68 -0.53 6.09 0.57
CA GLU B 68 0.29 5.76 1.74
C GLU B 68 -0.19 6.50 2.97
N LYS B 69 -0.62 7.75 2.79
CA LYS B 69 -1.20 8.50 3.89
C LYS B 69 -2.43 7.80 4.43
N GLU B 70 -3.33 7.36 3.55
CA GLU B 70 -4.54 6.72 4.03
C GLU B 70 -4.22 5.41 4.74
N LYS B 71 -3.25 4.67 4.21
CA LYS B 71 -2.80 3.45 4.86
C LYS B 71 -2.30 3.72 6.27
N MSE B 72 -1.49 4.75 6.44
CA MSE B 72 -0.96 5.07 7.76
CA MSE B 72 -0.94 5.11 7.76
C MSE B 72 -2.07 5.38 8.75
O MSE B 72 -2.01 4.99 9.89
CB MSE B 72 0.01 6.24 7.68
CB MSE B 72 -0.04 6.34 7.66
CG MSE B 72 1.23 6.08 8.56
CG MSE B 72 0.34 6.95 9.00
SE MSE B 72 2.76 5.20 7.69
SE MSE B 72 -0.48 8.71 9.26
CE MSE B 72 1.89 3.76 6.67
CE MSE B 72 -0.26 8.92 11.19
N LEU B 73 -3.09 6.08 8.26
CA LEU B 73 -4.16 6.47 9.15
C LEU B 73 -5.02 5.27 9.58
N LEU B 74 -5.07 4.21 8.75
CA LEU B 74 -5.73 2.98 9.16
C LEU B 74 -4.86 2.18 10.11
N GLN B 75 -3.53 2.22 9.94
CA GLN B 75 -2.64 1.56 10.88
C GLN B 75 -2.78 2.14 12.27
N HIS B 76 -3.07 3.43 12.36
CA HIS B 76 -3.25 4.02 13.68
C HIS B 76 -4.60 3.65 14.27
N ARG B 77 -5.65 3.57 13.46
CA ARG B 77 -6.91 3.15 14.05
C ARG B 77 -6.89 1.68 14.46
N ILE B 78 -6.10 0.85 13.76
CA ILE B 78 -5.76 -0.49 14.28
C ILE B 78 -5.24 -0.39 15.69
N ASN B 79 -4.18 0.40 15.88
CA ASN B 79 -3.62 0.60 17.20
C ASN B 79 -4.69 1.04 18.18
N GLU B 80 -5.53 2.00 17.78
CA GLU B 80 -6.57 2.46 18.68
C GLU B 80 -7.59 1.37 18.96
N TYR B 81 -8.04 0.67 17.90
CA TYR B 81 -9.09 -0.31 18.10
C TYR B 81 -8.55 -1.57 18.78
N GLN B 82 -7.25 -1.85 18.61
CA GLN B 82 -6.67 -2.97 19.32
C GLN B 82 -6.68 -2.71 20.83
N ARG B 83 -6.28 -1.50 21.22
CA ARG B 83 -6.29 -1.12 22.64
C ARG B 83 -7.71 -1.12 23.21
N LYS B 84 -8.69 -0.60 22.46
CA LYS B 84 -10.08 -0.64 22.94
C LYS B 84 -10.53 -2.07 23.22
N ALA B 85 -10.27 -2.98 22.29
CA ALA B 85 -10.72 -4.35 22.44
C ALA B 85 -10.05 -5.01 23.63
N GLU B 86 -8.71 -4.87 23.77
CA GLU B 86 -8.01 -5.41 24.94
C GLU B 86 -8.65 -4.89 26.22
N GLN B 87 -9.13 -3.65 26.18
CA GLN B 87 -9.62 -3.00 27.38
C GLN B 87 -11.05 -3.40 27.70
N GLU B 88 -11.91 -3.53 26.68
CA GLU B 88 -13.22 -4.13 26.95
C GLU B 88 -13.07 -5.54 27.49
N ASN B 89 -12.04 -6.26 27.06
CA ASN B 89 -11.80 -7.62 27.55
C ASN B 89 -11.39 -7.61 29.03
N GLU B 90 -10.51 -6.67 29.43
CA GLU B 90 -10.12 -6.61 30.85
C GLU B 90 -11.27 -6.15 31.72
N LYS B 91 -12.09 -5.19 31.25
CA LYS B 91 -13.21 -4.75 32.08
C LYS B 91 -14.24 -5.86 32.23
N ARG B 92 -14.47 -6.63 31.17
CA ARG B 92 -15.32 -7.81 31.30
C ARG B 92 -14.74 -8.81 32.28
N ARG B 93 -13.43 -9.09 32.19
CA ARG B 93 -12.85 -10.13 33.04
C ARG B 93 -12.99 -9.75 34.50
N ASN B 94 -12.81 -8.45 34.82
CA ASN B 94 -12.91 -7.97 36.18
C ASN B 94 -14.35 -8.03 36.71
N VAL B 95 -15.33 -7.63 35.91
CA VAL B 95 -16.71 -7.73 36.36
C VAL B 95 -17.09 -9.20 36.62
N GLU B 96 -16.51 -10.14 35.87
CA GLU B 96 -16.77 -11.56 36.15
C GLU B 96 -16.18 -11.98 37.50
N ASN B 97 -14.99 -11.50 37.83
CA ASN B 97 -14.42 -11.84 39.14
C ASN B 97 -15.21 -11.19 40.27
N GLU B 98 -15.62 -9.93 40.08
CA GLU B 98 -16.58 -9.30 40.99
C GLU B 98 -17.79 -10.19 41.25
N VAL B 99 -18.40 -10.71 40.18
CA VAL B 99 -19.50 -11.66 40.32
C VAL B 99 -19.09 -12.84 41.21
N SER B 100 -17.89 -13.40 40.94
CA SER B 100 -17.40 -14.54 41.72
C SER B 100 -17.24 -14.17 43.18
N THR B 101 -16.59 -13.03 43.46
CA THR B 101 -16.43 -12.58 44.82
C THR B 101 -17.77 -12.49 45.54
N LEU B 102 -18.73 -11.85 44.90
CA LEU B 102 -20.00 -11.59 45.57
C LEU B 102 -20.74 -12.88 45.87
N LYS B 103 -20.72 -13.84 44.95
CA LYS B 103 -21.32 -15.14 45.24
C LYS B 103 -20.65 -15.77 46.46
N ASP B 104 -19.32 -15.70 46.53
CA ASP B 104 -18.63 -16.22 47.71
C ASP B 104 -18.97 -15.42 48.97
N GLN B 105 -19.09 -14.10 48.85
CA GLN B 105 -19.49 -13.32 50.03
C GLN B 105 -20.91 -13.64 50.47
N LEU B 106 -21.79 -13.97 49.55
CA LEU B 106 -23.17 -14.30 49.90
C LEU B 106 -23.24 -15.65 50.63
N GLU B 107 -22.37 -16.60 50.24
CA GLU B 107 -22.34 -17.91 50.87
C GLU B 107 -21.77 -17.84 52.27
N ASP B 108 -20.59 -17.22 52.43
CA ASP B 108 -20.03 -16.99 53.77
C ASP B 108 -21.04 -16.30 54.67
N LEU B 109 -21.70 -15.26 54.16
CA LEU B 109 -22.64 -14.53 55.01
C LEU B 109 -23.81 -15.40 55.40
N LYS B 110 -24.34 -16.20 54.49
CA LYS B 110 -25.46 -17.05 54.87
C LYS B 110 -25.01 -18.03 55.95
N LYS B 111 -23.76 -18.49 55.87
CA LYS B 111 -23.18 -19.36 56.88
C LYS B 111 -23.09 -18.65 58.23
N VAL B 112 -22.51 -17.44 58.27
CA VAL B 112 -22.44 -16.70 59.51
C VAL B 112 -23.83 -16.52 60.12
N SER B 113 -24.84 -16.17 59.31
CA SER B 113 -26.15 -15.88 59.87
C SER B 113 -26.89 -17.14 60.30
N GLN B 114 -26.55 -18.30 59.73
CA GLN B 114 -27.04 -19.56 60.28
C GLN B 114 -26.34 -19.85 61.61
N ASN B 115 -25.04 -19.56 61.69
CA ASN B 115 -24.38 -19.70 62.99
C ASN B 115 -25.02 -18.79 64.04
N SER B 116 -25.43 -17.58 63.65
CA SER B 116 -26.03 -16.69 64.63
C SER B 116 -27.42 -17.14 65.04
N GLN B 117 -28.22 -17.70 64.13
CA GLN B 117 -29.49 -18.23 64.60
C GLN B 117 -29.28 -19.41 65.54
N LEU B 118 -28.28 -20.26 65.26
CA LEU B 118 -27.90 -21.32 66.19
C LEU B 118 -27.54 -20.76 67.56
N ALA B 119 -26.59 -19.83 67.57
CA ALA B 119 -26.22 -19.11 68.79
C ALA B 119 -27.43 -18.62 69.56
N ASN B 120 -28.35 -17.91 68.88
CA ASN B 120 -29.51 -17.36 69.58
C ASN B 120 -30.46 -18.46 70.04
N GLU B 121 -30.48 -19.60 69.37
CA GLU B 121 -31.31 -20.69 69.89
C GLU B 121 -30.74 -21.21 71.21
N LYS B 122 -29.42 -21.29 71.35
CA LYS B 122 -28.85 -21.76 72.61
C LYS B 122 -29.07 -20.76 73.74
N LEU B 123 -29.05 -19.45 73.45
CA LEU B 123 -29.31 -18.48 74.52
C LEU B 123 -30.75 -18.50 74.95
N SER B 124 -31.68 -18.65 73.98
CA SER B 124 -33.10 -18.82 74.30
C SER B 124 -33.33 -20.02 75.20
N GLN B 125 -32.68 -21.15 74.88
CA GLN B 125 -32.75 -22.31 75.76
C GLN B 125 -32.11 -22.01 77.11
N LEU B 126 -30.93 -21.36 77.11
CA LEU B 126 -30.30 -20.98 78.38
C LEU B 126 -31.25 -20.15 79.23
N GLN B 127 -31.88 -19.14 78.62
CA GLN B 127 -32.81 -18.30 79.36
C GLN B 127 -33.96 -19.11 79.92
N LYS B 128 -34.43 -20.10 79.17
CA LYS B 128 -35.53 -20.92 79.66
C LYS B 128 -35.10 -21.71 80.88
N GLN B 129 -33.88 -22.26 80.85
CA GLN B 129 -33.44 -23.09 81.97
CA GLN B 129 -33.35 -23.08 81.93
C GLN B 129 -33.08 -22.27 83.19
N LEU B 130 -32.89 -20.96 83.05
CA LEU B 130 -32.58 -20.11 84.19
C LEU B 130 -33.84 -19.48 84.79
N GLU B 131 -35.02 -19.76 84.24
CA GLU B 131 -36.22 -19.10 84.71
C GLU B 131 -36.68 -19.67 86.05
N GLU B 132 -37.37 -18.84 86.84
CA GLU B 132 -37.71 -19.17 88.23
C GLU B 132 -39.14 -19.72 88.35
N ALA B 133 -39.38 -20.86 87.70
CA ALA B 133 -40.59 -21.68 87.87
C ALA B 133 -41.84 -20.98 88.43
S1 DTT C . 36.46 10.11 -50.55
C1 DTT C . 36.50 11.19 -52.01
C2 DTT C . 35.20 11.93 -52.29
O2 DTT C . 34.17 11.01 -52.58
C3 DTT C . 35.34 12.95 -53.44
O3 DTT C . 34.08 13.25 -53.96
C4 DTT C . 36.03 14.26 -52.99
S4 DTT C . 35.08 15.82 -53.08
#